data_7F45
#
_entry.id   7F45
#
_cell.length_a   66.741
_cell.length_b   66.741
_cell.length_c   120.980
_cell.angle_alpha   90.000
_cell.angle_beta   90.000
_cell.angle_gamma   90.000
#
_symmetry.space_group_name_H-M   'P 41 21 2'
#
_entity_poly.entity_id   1
_entity_poly.type   'polypeptide(L)'
_entity_poly.pdbx_seq_one_letter_code
;MSRPTVVTVTETPRNPGSYEVNVERDGKMVVGRARAGSDPGAAAAKAMQMAMEWGSPNYVILGSNKVLAFIPEQLRVKM
;
_entity_poly.pdbx_strand_id   A,P
#
# COMPACT_ATOMS: atom_id res chain seq x y z
N ARG A 3 20.72 3.59 -7.10
CA ARG A 3 20.80 2.43 -6.21
C ARG A 3 19.46 2.11 -5.52
N PRO A 4 18.80 3.12 -4.89
CA PRO A 4 17.43 2.87 -4.40
C PRO A 4 16.38 3.44 -5.32
N THR A 5 15.26 2.76 -5.47
CA THR A 5 14.14 3.30 -6.24
C THR A 5 13.30 4.22 -5.36
N VAL A 6 12.90 5.34 -5.95
CA VAL A 6 12.21 6.40 -5.23
C VAL A 6 10.74 6.35 -5.56
N VAL A 7 9.91 6.30 -4.53
CA VAL A 7 8.46 6.34 -4.64
C VAL A 7 7.98 7.56 -3.86
N THR A 8 7.33 8.49 -4.55
CA THR A 8 6.90 9.74 -3.93
C THR A 8 5.39 9.88 -4.03
N VAL A 9 4.73 10.09 -2.89
CA VAL A 9 3.28 10.26 -2.81
C VAL A 9 3.00 11.73 -2.49
N THR A 10 2.49 12.44 -3.50
CA THR A 10 2.20 13.87 -3.40
C THR A 10 0.70 14.10 -3.57
N GLU A 11 0.17 15.01 -2.77
CA GLU A 11 -1.23 15.34 -2.84
C GLU A 11 -1.50 16.20 -4.08
N THR A 12 -2.47 15.80 -4.90
CA THR A 12 -2.73 16.54 -6.12
C THR A 12 -3.24 17.93 -5.80
N PRO A 13 -2.72 18.96 -6.45
CA PRO A 13 -3.08 20.33 -6.06
C PRO A 13 -4.47 20.72 -6.53
N ARG A 14 -4.94 20.10 -7.60
CA ARG A 14 -6.25 20.49 -8.15
C ARG A 14 -7.38 20.01 -7.27
N ASN A 15 -7.29 18.80 -6.74
CA ASN A 15 -8.32 18.21 -5.87
C ASN A 15 -7.72 17.92 -4.51
N PRO A 16 -7.72 18.89 -3.59
CA PRO A 16 -7.14 18.65 -2.27
C PRO A 16 -7.85 17.51 -1.54
N GLY A 17 -7.07 16.62 -0.95
CA GLY A 17 -7.58 15.44 -0.29
C GLY A 17 -7.39 14.15 -1.05
N SER A 18 -6.84 14.23 -2.27
CA SER A 18 -6.56 13.05 -3.08
C SER A 18 -5.10 13.06 -3.50
N TYR A 19 -4.49 11.89 -3.49
CA TYR A 19 -3.06 11.74 -3.70
C TYR A 19 -2.77 11.02 -5.01
N GLU A 20 -1.52 11.16 -5.45
CA GLU A 20 -1.01 10.47 -6.62
C GLU A 20 0.40 10.02 -6.31
N VAL A 21 0.82 8.92 -6.91
CA VAL A 21 2.10 8.31 -6.60
C VAL A 21 2.94 8.26 -7.86
N ASN A 22 4.24 8.57 -7.72
CA ASN A 22 5.19 8.45 -8.82
C ASN A 22 6.33 7.52 -8.41
N VAL A 23 6.88 6.80 -9.39
CA VAL A 23 7.98 5.87 -9.15
C VAL A 23 9.04 6.08 -10.22
N GLU A 24 10.30 6.24 -9.79
CA GLU A 24 11.43 6.35 -10.71
C GLU A 24 12.49 5.30 -10.38
N ARG A 25 12.69 4.36 -11.29
CA ARG A 25 13.70 3.31 -11.19
C ARG A 25 14.77 3.52 -12.26
N ASP A 26 16.02 3.56 -11.83
CA ASP A 26 17.15 3.61 -12.75
C ASP A 26 17.09 4.80 -13.70
N GLY A 27 16.59 5.94 -13.22
CA GLY A 27 16.68 7.17 -13.95
C GLY A 27 15.51 7.48 -14.87
N LYS A 28 14.65 6.50 -15.13
CA LYS A 28 13.49 6.69 -15.99
C LYS A 28 12.24 6.39 -15.19
N MET A 29 11.35 7.38 -15.07
CA MET A 29 10.14 7.18 -14.27
C MET A 29 9.26 6.11 -14.88
N VAL A 30 8.83 5.18 -14.03
CA VAL A 30 8.06 4.03 -14.48
C VAL A 30 6.58 4.15 -14.14
N VAL A 31 6.23 5.02 -13.19
CA VAL A 31 4.83 5.24 -12.81
C VAL A 31 4.64 6.74 -12.70
N GLY A 32 3.71 7.28 -13.48
CA GLY A 32 3.53 8.72 -13.54
C GLY A 32 2.14 9.18 -13.15
N ARG A 33 2.06 9.94 -12.05
CA ARG A 33 0.80 10.50 -11.56
C ARG A 33 -0.29 9.44 -11.52
N ALA A 34 0.02 8.34 -10.84
CA ALA A 34 -0.94 7.25 -10.69
C ALA A 34 -1.98 7.61 -9.64
N ARG A 35 -3.22 7.22 -9.89
CA ARG A 35 -4.30 7.48 -8.94
C ARG A 35 -4.07 6.68 -7.68
N ALA A 36 -3.99 7.36 -6.53
CA ALA A 36 -3.62 6.72 -5.26
C ALA A 36 -4.62 7.14 -4.18
N GLY A 37 -5.86 6.68 -4.33
CA GLY A 37 -6.85 6.82 -3.28
C GLY A 37 -7.34 8.24 -3.05
N SER A 38 -8.30 8.33 -2.13
CA SER A 38 -8.91 9.60 -1.75
C SER A 38 -8.70 9.90 -0.26
N ASP A 39 -7.95 9.08 0.45
CA ASP A 39 -7.67 9.25 1.86
C ASP A 39 -6.23 8.82 2.11
N PRO A 40 -5.60 9.35 3.16
CA PRO A 40 -4.18 9.03 3.41
C PRO A 40 -3.90 7.54 3.51
N GLY A 41 -4.82 6.76 4.06
CA GLY A 41 -4.57 5.33 4.19
C GLY A 41 -4.43 4.65 2.83
N ALA A 42 -5.35 4.98 1.91
CA ALA A 42 -5.28 4.39 0.57
C ALA A 42 -4.04 4.84 -0.17
N ALA A 43 -3.64 6.11 0.01
CA ALA A 43 -2.42 6.59 -0.61
C ALA A 43 -1.20 5.85 -0.07
N ALA A 44 -1.16 5.62 1.26
CA ALA A 44 -0.06 4.87 1.84
C ALA A 44 -0.05 3.43 1.33
N ALA A 45 -1.23 2.84 1.19
CA ALA A 45 -1.30 1.46 0.68
C ALA A 45 -0.78 1.37 -0.75
N LYS A 46 -1.20 2.31 -1.60
CA LYS A 46 -0.69 2.30 -2.98
C LYS A 46 0.81 2.56 -3.01
N ALA A 47 1.29 3.43 -2.13
CA ALA A 47 2.71 3.68 -2.04
C ALA A 47 3.46 2.41 -1.67
N MET A 48 2.95 1.66 -0.69
CA MET A 48 3.58 0.42 -0.31
C MET A 48 3.52 -0.61 -1.43
N GLN A 49 2.38 -0.70 -2.11
CA GLN A 49 2.27 -1.63 -3.23
C GLN A 49 3.33 -1.33 -4.28
N MET A 50 3.51 -0.05 -4.62
CA MET A 50 4.56 0.33 -5.56
C MET A 50 5.95 0.07 -5.00
N ALA A 51 6.12 0.17 -3.68
CA ALA A 51 7.42 -0.12 -3.11
C ALA A 51 7.75 -1.59 -3.24
N MET A 52 6.75 -2.47 -3.09
CA MET A 52 6.98 -3.90 -3.26
C MET A 52 7.04 -4.26 -4.73
N GLU A 53 6.02 -3.85 -5.49
CA GLU A 53 5.92 -4.24 -6.90
C GLU A 53 7.06 -3.64 -7.73
N TRP A 54 7.49 -2.46 -7.36
CA TRP A 54 8.55 -1.78 -8.06
C TRP A 54 9.65 -1.48 -7.12
N GLY A 55 10.75 -1.07 -7.68
CA GLY A 55 11.83 -0.65 -6.84
C GLY A 55 12.78 -1.69 -6.45
N SER A 56 12.50 -2.92 -6.83
CA SER A 56 13.41 -4.01 -6.62
C SER A 56 13.86 -4.16 -5.20
N PRO A 57 15.14 -4.32 -5.02
CA PRO A 57 15.60 -4.54 -3.68
C PRO A 57 15.42 -3.41 -2.73
N ASN A 58 15.85 -2.22 -3.05
CA ASN A 58 15.76 -1.09 -2.14
C ASN A 58 14.63 -0.17 -2.57
N TYR A 59 14.20 0.68 -1.64
CA TYR A 59 13.20 1.67 -1.98
C TYR A 59 13.17 2.74 -0.90
N VAL A 60 12.51 3.83 -1.22
CA VAL A 60 12.27 4.91 -0.27
C VAL A 60 10.91 5.53 -0.57
N ILE A 61 10.03 5.54 0.43
CA ILE A 61 8.70 6.11 0.29
C ILE A 61 8.75 7.50 0.88
N LEU A 62 8.33 8.49 0.10
CA LEU A 62 8.26 9.86 0.56
C LEU A 62 6.87 10.40 0.28
N GLY A 63 6.24 10.97 1.30
CA GLY A 63 4.91 11.48 1.10
C GLY A 63 4.50 12.38 2.24
N SER A 64 3.23 12.78 2.19
CA SER A 64 2.65 13.57 3.27
C SER A 64 2.84 12.86 4.60
N ASN A 65 3.00 13.66 5.67
CA ASN A 65 3.18 13.09 7.00
C ASN A 65 1.97 12.26 7.41
N LYS A 66 0.78 12.70 7.04
CA LYS A 66 -0.43 11.94 7.31
C LYS A 66 -0.51 10.67 6.47
N VAL A 67 0.17 10.64 5.32
CA VAL A 67 0.24 9.40 4.56
C VAL A 67 1.27 8.45 5.17
N LEU A 68 2.41 8.99 5.58
CA LEU A 68 3.47 8.16 6.14
C LEU A 68 3.16 7.70 7.55
N ALA A 69 2.15 8.29 8.21
CA ALA A 69 1.77 7.79 9.52
C ALA A 69 1.32 6.34 9.45
N PHE A 70 0.78 5.91 8.30
CA PHE A 70 0.32 4.53 8.15
C PHE A 70 1.48 3.57 7.98
N ILE A 71 2.50 3.96 7.23
CA ILE A 71 3.65 3.10 6.99
C ILE A 71 4.59 3.25 8.17
N PRO A 72 4.84 2.19 8.94
CA PRO A 72 5.77 2.32 10.07
C PRO A 72 7.16 2.73 9.59
N GLU A 73 7.89 3.44 10.46
CA GLU A 73 9.17 4.03 10.07
C GLU A 73 10.14 2.97 9.60
N GLN A 74 10.05 1.76 10.15
CA GLN A 74 10.95 0.69 9.74
C GLN A 74 10.75 0.32 8.28
N LEU A 75 9.53 0.42 7.77
CA LEU A 75 9.21 -0.04 6.43
C LEU A 75 9.28 1.04 5.35
N ARG A 76 9.19 2.32 5.71
CA ARG A 76 9.15 3.36 4.69
C ARG A 76 10.39 3.36 3.81
N VAL A 77 11.57 3.23 4.41
CA VAL A 77 12.81 3.16 3.65
C VAL A 77 13.44 1.78 3.87
N LYS A 78 14.13 1.30 2.84
CA LYS A 78 14.81 0.00 2.91
C LYS A 78 16.03 0.07 2.02
N MET A 79 17.21 0.12 2.62
CA MET A 79 18.48 0.20 1.90
C MET A 79 19.58 -0.57 2.63
N ARG B 3 11.40 -8.69 7.53
CA ARG B 3 11.11 -9.13 8.89
C ARG B 3 9.59 -9.08 9.19
N PRO B 4 8.90 -7.95 8.89
CA PRO B 4 7.44 -7.97 9.01
C PRO B 4 6.76 -8.21 7.66
N THR B 5 5.66 -8.96 7.65
CA THR B 5 4.91 -9.19 6.42
C THR B 5 3.97 -8.02 6.14
N VAL B 6 3.95 -7.59 4.88
CA VAL B 6 3.17 -6.42 4.46
C VAL B 6 1.99 -6.88 3.61
N VAL B 7 0.79 -6.45 4.00
CA VAL B 7 -0.45 -6.74 3.28
C VAL B 7 -1.08 -5.40 2.90
N THR B 8 -1.27 -5.16 1.59
CA THR B 8 -1.80 -3.90 1.09
C THR B 8 -3.08 -4.14 0.30
N VAL B 9 -4.14 -3.43 0.68
CA VAL B 9 -5.44 -3.52 0.03
C VAL B 9 -5.69 -2.22 -0.73
N THR B 10 -5.58 -2.28 -2.06
CA THR B 10 -5.75 -1.15 -2.94
C THR B 10 -6.89 -1.41 -3.92
N GLU B 11 -7.72 -0.41 -4.17
CA GLU B 11 -8.81 -0.54 -5.12
C GLU B 11 -8.27 -0.34 -6.54
N THR B 12 -8.52 -1.33 -7.41
CA THR B 12 -8.06 -1.26 -8.79
C THR B 12 -8.88 -0.22 -9.56
N PRO B 13 -8.23 0.59 -10.41
CA PRO B 13 -8.96 1.70 -11.05
C PRO B 13 -9.90 1.25 -12.14
N ARG B 14 -9.70 0.06 -12.72
CA ARG B 14 -10.51 -0.35 -13.87
C ARG B 14 -11.95 -0.63 -13.47
N ASN B 15 -12.16 -1.29 -12.33
CA ASN B 15 -13.50 -1.58 -11.82
C ASN B 15 -13.65 -0.92 -10.45
N PRO B 16 -14.04 0.36 -10.43
CA PRO B 16 -14.16 1.08 -9.16
C PRO B 16 -15.20 0.44 -8.25
N GLY B 17 -14.84 0.32 -6.97
CA GLY B 17 -15.70 -0.30 -5.97
C GLY B 17 -15.28 -1.69 -5.55
N SER B 18 -14.23 -2.25 -6.15
CA SER B 18 -13.71 -3.55 -5.76
C SER B 18 -12.21 -3.43 -5.51
N TYR B 19 -11.74 -4.12 -4.48
CA TYR B 19 -10.37 -4.02 -4.01
C TYR B 19 -9.60 -5.29 -4.31
N GLU B 20 -8.27 -5.18 -4.28
CA GLU B 20 -7.39 -6.33 -4.45
C GLU B 20 -6.21 -6.19 -3.49
N VAL B 21 -5.68 -7.33 -3.05
CA VAL B 21 -4.71 -7.38 -1.96
C VAL B 21 -3.39 -7.97 -2.44
N ASN B 22 -2.29 -7.39 -1.98
CA ASN B 22 -0.93 -7.86 -2.26
C ASN B 22 -0.20 -8.15 -0.95
N VAL B 23 0.73 -9.10 -0.99
CA VAL B 23 1.48 -9.53 0.19
C VAL B 23 2.95 -9.66 -0.13
N GLU B 24 3.81 -9.11 0.73
CA GLU B 24 5.26 -9.27 0.66
C GLU B 24 5.73 -9.88 1.98
N ARG B 25 6.25 -11.10 1.92
CA ARG B 25 6.75 -11.80 3.09
C ARG B 25 8.27 -11.88 3.02
N ASP B 26 8.94 -11.34 4.03
CA ASP B 26 10.40 -11.44 4.19
C ASP B 26 11.14 -10.90 2.96
N GLY B 27 10.58 -9.87 2.33
CA GLY B 27 11.26 -9.18 1.26
C GLY B 27 10.94 -9.65 -0.15
N LYS B 28 10.26 -10.78 -0.31
CA LYS B 28 9.90 -11.30 -1.62
C LYS B 28 8.37 -11.42 -1.71
N MET B 29 7.79 -10.76 -2.70
CA MET B 29 6.34 -10.74 -2.86
C MET B 29 5.78 -12.12 -3.15
N VAL B 30 4.78 -12.53 -2.37
CA VAL B 30 4.20 -13.86 -2.48
C VAL B 30 2.79 -13.86 -3.08
N VAL B 31 2.08 -12.74 -3.06
CA VAL B 31 0.71 -12.67 -3.54
C VAL B 31 0.56 -11.42 -4.40
N GLY B 32 0.07 -11.60 -5.63
CA GLY B 32 -0.05 -10.49 -6.54
C GLY B 32 -1.47 -10.23 -7.01
N ARG B 33 -2.04 -9.10 -6.59
CA ARG B 33 -3.37 -8.64 -6.99
C ARG B 33 -4.42 -9.76 -6.87
N ALA B 34 -4.53 -10.29 -5.66
CA ALA B 34 -5.55 -11.30 -5.37
C ALA B 34 -6.92 -10.65 -5.24
N ARG B 35 -7.93 -11.32 -5.78
CA ARG B 35 -9.30 -10.80 -5.74
C ARG B 35 -9.81 -10.76 -4.31
N ALA B 36 -10.23 -9.58 -3.85
CA ALA B 36 -10.60 -9.35 -2.44
C ALA B 36 -11.94 -8.62 -2.35
N GLY B 37 -13.02 -9.33 -2.70
CA GLY B 37 -14.36 -8.83 -2.42
C GLY B 37 -14.78 -7.65 -3.28
N SER B 38 -16.02 -7.23 -3.06
CA SER B 38 -16.62 -6.13 -3.80
C SER B 38 -17.03 -4.96 -2.92
N ASP B 39 -16.75 -5.00 -1.62
CA ASP B 39 -17.10 -3.93 -0.70
C ASP B 39 -15.98 -3.82 0.32
N PRO B 40 -15.85 -2.65 0.97
CA PRO B 40 -14.75 -2.49 1.93
C PRO B 40 -14.69 -3.56 3.01
N GLY B 41 -15.84 -4.06 3.47
CA GLY B 41 -15.82 -5.08 4.49
C GLY B 41 -15.18 -6.38 4.02
N ALA B 42 -15.55 -6.82 2.81
CA ALA B 42 -14.97 -8.04 2.26
C ALA B 42 -13.48 -7.89 1.98
N ALA B 43 -13.08 -6.70 1.53
CA ALA B 43 -11.66 -6.43 1.31
C ALA B 43 -10.89 -6.49 2.62
N ALA B 44 -11.45 -5.89 3.68
CA ALA B 44 -10.78 -5.96 4.98
C ALA B 44 -10.72 -7.38 5.50
N ALA B 45 -11.78 -8.16 5.29
CA ALA B 45 -11.78 -9.55 5.74
C ALA B 45 -10.72 -10.36 5.00
N LYS B 46 -10.62 -10.17 3.68
CA LYS B 46 -9.58 -10.86 2.92
C LYS B 46 -8.19 -10.41 3.36
N ALA B 47 -8.03 -9.13 3.67
CA ALA B 47 -6.76 -8.62 4.16
C ALA B 47 -6.36 -9.28 5.47
N MET B 48 -7.30 -9.36 6.42
CA MET B 48 -7.00 -10.00 7.69
C MET B 48 -6.68 -11.47 7.49
N GLN B 49 -7.46 -12.15 6.64
CA GLN B 49 -7.20 -13.55 6.36
C GLN B 49 -5.79 -13.76 5.84
N MET B 50 -5.34 -12.91 4.91
CA MET B 50 -3.98 -13.01 4.41
C MET B 50 -2.96 -12.64 5.49
N ALA B 51 -3.30 -11.74 6.41
CA ALA B 51 -2.35 -11.33 7.43
C ALA B 51 -2.05 -12.45 8.41
N MET B 52 -3.05 -13.25 8.74
CA MET B 52 -2.83 -14.39 9.62
C MET B 52 -2.21 -15.55 8.85
N GLU B 53 -2.83 -15.91 7.72
CA GLU B 53 -2.38 -17.07 6.96
C GLU B 53 -0.97 -16.88 6.41
N TRP B 54 -0.63 -15.71 5.96
CA TRP B 54 0.69 -15.53 5.42
C TRP B 54 1.55 -14.74 6.29
N GLY B 55 0.93 -13.90 7.06
CA GLY B 55 1.69 -12.97 7.80
C GLY B 55 2.65 -13.47 8.79
N SER B 56 2.24 -14.46 9.57
CA SER B 56 3.18 -14.92 10.60
C SER B 56 3.47 -13.77 11.55
N PRO B 57 4.74 -13.42 11.75
CA PRO B 57 5.11 -12.43 12.77
C PRO B 57 5.17 -10.93 12.50
N ASN B 58 4.43 -10.17 13.31
CA ASN B 58 4.29 -8.68 13.36
C ASN B 58 3.84 -8.09 12.02
N TYR B 59 2.94 -8.78 11.33
CA TYR B 59 2.39 -8.37 10.00
C TYR B 59 1.70 -7.02 10.12
N VAL B 60 1.72 -6.24 9.04
CA VAL B 60 1.18 -4.88 8.95
C VAL B 60 0.20 -4.82 7.79
N ILE B 61 -1.05 -4.46 8.07
CA ILE B 61 -2.09 -4.29 7.05
C ILE B 61 -2.20 -2.81 6.71
N LEU B 62 -2.13 -2.49 5.43
CA LEU B 62 -2.31 -1.13 4.95
C LEU B 62 -3.37 -1.13 3.85
N GLY B 63 -4.33 -0.22 3.96
CA GLY B 63 -5.38 -0.15 2.97
C GLY B 63 -6.09 1.18 3.06
N SER B 64 -7.16 1.29 2.26
CA SER B 64 -8.00 2.48 2.30
C SER B 64 -8.55 2.71 3.70
N ASN B 65 -8.75 3.98 4.04
CA ASN B 65 -9.22 4.33 5.37
C ASN B 65 -10.60 3.72 5.64
N LYS B 66 -11.47 3.73 4.63
CA LYS B 66 -12.79 3.12 4.71
C LYS B 66 -12.73 1.59 4.77
N VAL B 67 -11.65 1.00 4.28
CA VAL B 67 -11.45 -0.44 4.43
C VAL B 67 -10.92 -0.77 5.81
N LEU B 68 -9.99 0.04 6.31
CA LEU B 68 -9.40 -0.24 7.61
C LEU B 68 -10.33 0.09 8.76
N ALA B 69 -11.42 0.82 8.50
CA ALA B 69 -12.38 1.10 9.56
C ALA B 69 -12.92 -0.18 10.19
N PHE B 70 -12.93 -1.28 9.43
CA PHE B 70 -13.42 -2.57 9.93
C PHE B 70 -12.44 -3.25 10.87
N ILE B 71 -11.15 -3.20 10.56
CA ILE B 71 -10.13 -3.86 11.36
C ILE B 71 -9.75 -2.95 12.52
N PRO B 72 -10.00 -3.36 13.76
CA PRO B 72 -9.64 -2.52 14.91
C PRO B 72 -8.14 -2.20 14.92
N GLU B 73 -7.79 -1.08 15.56
CA GLU B 73 -6.43 -0.57 15.48
C GLU B 73 -5.41 -1.56 16.02
N GLN B 74 -5.77 -2.32 17.05
CA GLN B 74 -4.81 -3.27 17.64
C GLN B 74 -4.40 -4.34 16.64
N LEU B 75 -5.29 -4.70 15.71
CA LEU B 75 -5.10 -5.78 14.78
C LEU B 75 -4.39 -5.34 13.50
N ARG B 76 -4.30 -4.04 13.24
CA ARG B 76 -3.64 -3.57 12.03
C ARG B 76 -2.20 -4.07 11.97
N VAL B 77 -1.50 -4.08 13.11
CA VAL B 77 -0.14 -4.58 13.19
C VAL B 77 -0.05 -5.84 14.05
#